data_4N5A
#
_entry.id   4N5A
#
_cell.length_a   136.374
_cell.length_b   136.374
_cell.length_c   141.143
_cell.angle_alpha   90.00
_cell.angle_beta   90.00
_cell.angle_gamma   120.00
#
_symmetry.space_group_name_H-M   'P 64 2 2'
#
_entity_poly.entity_id   1
_entity_poly.type   'polypeptide(L)'
_entity_poly.pdbx_seq_one_letter_code
;GS(MSE)FTPKHQKLVNQCYPTGRTTDKKPKSSETSYLLYYVNSRRSKLEKVSTYLIKRSTSDLNHRRIGNIAVTLDL
(MSE)NKIVLHCKENLNVFVKDFLYI(MSE)NKVLSNNNFNNDVSVVELIELAFSSICQNLDDVLCNGD(MSE)EFVQLY
QNFVDLFFKIVTERIHNDD(MSE)LLKCCIDISNTNSVSSNPQLNHFVSKSVAYTISKFQERNPKFKTLSLEAALESNLG
KRLSRTQTRTIGLDKAAEDNHDLSVKALQSYFNTTETDKLNLSIRTLLRCLQSTPNKELLEFVCNGIPVQLRYIVILLLV
RQLSDKDKNVNPIVSLKL(MSE)SSLLVSDVSIVGLSVLDI(MSE)RKLLNFQLKNATNKEVVAQSCIT(MSE)TDLNHK
TYYAEQTSD(MSE)LYELLLKLKSDTVKDVEKNAVVEDIDFLVEHITQPSISLELFIDLAHY(MSE)KNHIICLFNIVET
EVPSSILFSKLYSLLRELDSHGVQKE(MSE)(MSE)EEIFDKYGK(MSE)ALLSGLNYFLENVSEPEYTYYSYHLQAANF
LKLNDYKSQTEYK(MSE)QTRTLFTKEDLLSYYSDTGSNKYSKKGAQILLSRDNQ
;
_entity_poly.pdbx_strand_id   A
#
# COMPACT_ATOMS: atom_id res chain seq x y z
N PHE A 4 63.66 -0.05 -21.59
CA PHE A 4 63.25 -0.58 -20.30
C PHE A 4 61.75 -0.76 -20.21
N THR A 5 61.32 -2.00 -20.00
CA THR A 5 59.91 -2.30 -19.82
C THR A 5 59.68 -3.04 -18.51
N PRO A 6 59.06 -2.38 -17.53
CA PRO A 6 58.68 -3.01 -16.26
C PRO A 6 57.73 -4.17 -16.52
N LYS A 7 57.67 -5.12 -15.59
CA LYS A 7 56.92 -6.35 -15.80
C LYS A 7 55.46 -6.12 -16.15
N HIS A 8 54.77 -5.29 -15.37
CA HIS A 8 53.34 -5.03 -15.57
C HIS A 8 53.03 -4.52 -16.98
N GLN A 9 53.86 -3.60 -17.47
CA GLN A 9 53.71 -3.04 -18.80
C GLN A 9 53.77 -4.15 -19.84
N LYS A 10 54.80 -4.99 -19.72
CA LYS A 10 55.00 -6.09 -20.64
C LYS A 10 53.83 -7.07 -20.63
N LEU A 11 53.33 -7.41 -19.44
CA LEU A 11 52.22 -8.35 -19.33
C LEU A 11 50.95 -7.80 -19.98
N VAL A 12 50.56 -6.60 -19.54
CA VAL A 12 49.39 -5.93 -20.07
C VAL A 12 49.44 -5.82 -21.60
N ASN A 13 50.58 -5.36 -22.12
CA ASN A 13 50.75 -5.28 -23.56
C ASN A 13 50.73 -6.65 -24.24
N GLN A 14 51.19 -7.66 -23.51
CA GLN A 14 51.25 -9.01 -24.03
C GLN A 14 49.85 -9.59 -24.17
N CYS A 15 48.90 -9.01 -23.45
CA CYS A 15 47.51 -9.45 -23.58
C CYS A 15 46.80 -9.04 -24.89
N TYR A 16 47.44 -8.16 -25.66
CA TYR A 16 46.82 -7.61 -26.88
C TYR A 16 47.35 -8.26 -28.16
N PRO A 17 46.44 -8.60 -29.09
CA PRO A 17 46.76 -9.07 -30.44
C PRO A 17 47.48 -8.00 -31.28
N THR A 18 48.00 -8.40 -32.43
CA THR A 18 48.90 -7.53 -33.21
C THR A 18 48.24 -6.53 -34.16
N GLY A 19 47.08 -6.89 -34.69
CA GLY A 19 46.50 -6.16 -35.82
C GLY A 19 45.82 -4.83 -35.56
N ARG A 20 45.03 -4.40 -36.54
CA ARG A 20 44.24 -3.18 -36.44
C ARG A 20 42.76 -3.50 -36.55
N THR A 21 42.41 -4.77 -36.31
CA THR A 21 41.01 -5.19 -36.37
C THR A 21 40.22 -4.64 -35.19
N THR A 22 38.90 -4.81 -35.24
CA THR A 22 38.03 -4.25 -34.21
C THR A 22 37.30 -5.33 -33.41
N ASP A 23 37.56 -6.59 -33.74
CA ASP A 23 36.95 -7.71 -33.04
C ASP A 23 37.96 -8.40 -32.13
N LYS A 24 38.96 -7.64 -31.69
CA LYS A 24 40.04 -8.17 -30.86
C LYS A 24 39.55 -8.68 -29.51
N LYS A 25 39.80 -9.97 -29.25
CA LYS A 25 39.57 -10.53 -27.94
C LYS A 25 40.92 -10.78 -27.26
N PRO A 26 41.00 -10.46 -25.95
CA PRO A 26 42.23 -10.60 -25.19
C PRO A 26 42.74 -12.04 -25.17
N LYS A 27 44.05 -12.21 -25.33
CA LYS A 27 44.65 -13.55 -25.38
C LYS A 27 44.53 -14.28 -24.05
N SER A 28 44.07 -15.52 -24.11
CA SER A 28 43.68 -16.28 -22.91
C SER A 28 44.75 -16.40 -21.83
N SER A 29 45.82 -17.14 -22.13
CA SER A 29 46.87 -17.42 -21.16
C SER A 29 47.49 -16.15 -20.59
N GLU A 30 47.73 -15.18 -21.47
CA GLU A 30 48.34 -13.92 -21.08
C GLU A 30 47.49 -13.16 -20.08
N THR A 31 46.18 -13.12 -20.33
CA THR A 31 45.26 -12.41 -19.44
C THR A 31 45.04 -13.17 -18.14
N SER A 32 45.13 -14.49 -18.21
CA SER A 32 45.05 -15.31 -17.01
C SER A 32 46.23 -14.98 -16.09
N TYR A 33 47.43 -15.02 -16.66
CA TYR A 33 48.64 -14.69 -15.91
C TYR A 33 48.62 -13.24 -15.43
N LEU A 34 47.99 -12.36 -16.19
CA LEU A 34 47.85 -10.97 -15.78
C LEU A 34 46.98 -10.89 -14.52
N LEU A 35 45.83 -11.55 -14.57
CA LEU A 35 44.94 -11.62 -13.42
C LEU A 35 45.65 -12.16 -12.19
N TYR A 36 46.40 -13.24 -12.37
CA TYR A 36 47.21 -13.81 -11.30
C TYR A 36 48.18 -12.78 -10.72
N TYR A 37 48.86 -12.08 -11.62
CA TYR A 37 49.87 -11.10 -11.26
C TYR A 37 49.32 -9.96 -10.42
N VAL A 38 48.21 -9.38 -10.86
CA VAL A 38 47.61 -8.28 -10.12
C VAL A 38 46.96 -8.76 -8.84
N ASN A 39 46.48 -10.00 -8.84
CA ASN A 39 45.79 -10.55 -7.68
C ASN A 39 46.76 -10.94 -6.57
N SER A 40 48.01 -11.20 -6.94
CA SER A 40 49.03 -11.57 -5.95
C SER A 40 49.30 -10.43 -4.98
N ARG A 41 49.80 -9.32 -5.50
CA ARG A 41 50.13 -8.16 -4.68
C ARG A 41 49.32 -6.96 -5.16
N ARG A 42 48.75 -6.21 -4.21
CA ARG A 42 47.91 -5.08 -4.54
C ARG A 42 48.72 -3.92 -5.11
N SER A 43 50.04 -3.99 -4.93
CA SER A 43 50.94 -2.99 -5.52
C SER A 43 50.92 -3.11 -7.04
N LYS A 44 50.56 -4.30 -7.53
CA LYS A 44 50.55 -4.57 -8.97
C LYS A 44 49.33 -3.95 -9.64
N LEU A 45 48.22 -3.91 -8.91
CA LEU A 45 47.00 -3.30 -9.40
C LEU A 45 47.19 -1.83 -9.66
N GLU A 46 47.92 -1.15 -8.77
CA GLU A 46 48.20 0.28 -8.95
C GLU A 46 48.87 0.50 -10.31
N LYS A 47 50.05 -0.10 -10.48
CA LYS A 47 50.78 -0.07 -11.75
C LYS A 47 49.95 -0.43 -12.97
N VAL A 48 49.31 -1.61 -12.94
CA VAL A 48 48.55 -2.11 -14.08
C VAL A 48 47.37 -1.21 -14.45
N SER A 49 46.65 -0.74 -13.44
CA SER A 49 45.52 0.17 -13.69
C SER A 49 46.00 1.50 -14.26
N THR A 50 47.03 2.10 -13.66
CA THR A 50 47.52 3.38 -14.17
C THR A 50 48.01 3.22 -15.62
N TYR A 51 48.72 2.13 -15.85
CA TYR A 51 49.20 1.83 -17.20
C TYR A 51 48.04 1.65 -18.18
N LEU A 52 46.95 1.04 -17.71
CA LEU A 52 45.77 0.91 -18.54
C LEU A 52 45.21 2.28 -18.90
N ILE A 53 45.25 3.21 -17.94
CA ILE A 53 44.85 4.59 -18.23
C ILE A 53 45.68 5.17 -19.37
N LYS A 54 47.01 5.20 -19.19
CA LYS A 54 47.87 5.80 -20.21
C LYS A 54 47.75 5.13 -21.58
N ARG A 55 47.84 3.80 -21.59
CA ARG A 55 47.72 3.02 -22.80
C ARG A 55 46.42 3.28 -23.54
N SER A 56 45.30 3.17 -22.81
CA SER A 56 44.00 3.38 -23.43
C SER A 56 43.82 4.81 -23.90
N THR A 57 44.53 5.75 -23.27
CA THR A 57 44.56 7.13 -23.77
C THR A 57 45.21 7.15 -25.16
N SER A 58 46.37 6.52 -25.27
CA SER A 58 47.05 6.43 -26.56
C SER A 58 46.21 5.71 -27.62
N ASP A 59 45.43 4.72 -27.19
CA ASP A 59 44.56 3.99 -28.10
C ASP A 59 43.36 4.82 -28.52
N LEU A 60 42.96 5.75 -27.64
CA LEU A 60 41.91 6.69 -27.97
C LEU A 60 42.42 7.65 -29.04
N ASN A 61 43.64 8.14 -28.85
CA ASN A 61 44.23 9.08 -29.80
C ASN A 61 44.39 8.50 -31.21
N HIS A 62 45.07 7.37 -31.31
CA HIS A 62 45.31 6.73 -32.60
C HIS A 62 44.04 6.06 -33.14
N ARG A 63 42.98 6.10 -32.34
CA ARG A 63 41.66 5.65 -32.76
C ARG A 63 41.61 4.17 -33.16
N ARG A 64 42.13 3.31 -32.30
CA ARG A 64 42.02 1.87 -32.55
C ARG A 64 41.01 1.21 -31.61
N ILE A 65 39.95 0.69 -32.22
CA ILE A 65 38.84 0.11 -31.48
C ILE A 65 39.21 -1.21 -30.81
N GLY A 66 39.93 -2.06 -31.53
CA GLY A 66 40.31 -3.37 -31.02
C GLY A 66 40.97 -3.31 -29.66
N ASN A 67 42.00 -2.47 -29.55
CA ASN A 67 42.72 -2.30 -28.29
C ASN A 67 41.82 -1.82 -27.16
N ILE A 68 40.85 -0.99 -27.49
CA ILE A 68 39.91 -0.49 -26.50
C ILE A 68 38.96 -1.60 -26.06
N ALA A 69 38.55 -2.45 -27.00
CA ALA A 69 37.69 -3.58 -26.70
C ALA A 69 38.39 -4.54 -25.74
N VAL A 70 39.61 -4.92 -26.11
CA VAL A 70 40.43 -5.78 -25.26
C VAL A 70 40.64 -5.14 -23.90
N THR A 71 40.86 -3.83 -23.91
CA THR A 71 41.05 -3.06 -22.69
C THR A 71 39.85 -3.18 -21.74
N LEU A 72 38.66 -2.84 -22.26
CA LEU A 72 37.44 -2.92 -21.49
C LEU A 72 37.17 -4.33 -20.97
N ASP A 73 37.45 -5.32 -21.81
CA ASP A 73 37.31 -6.72 -21.42
C ASP A 73 38.21 -7.02 -20.22
N LEU A 74 39.47 -6.62 -20.34
CA LEU A 74 40.44 -6.79 -19.27
C LEU A 74 39.92 -6.15 -17.98
N ASN A 76 36.94 -5.48 -17.08
CA ASN A 76 35.85 -6.28 -16.55
C ASN A 76 36.39 -7.47 -15.76
N LYS A 77 37.30 -8.21 -16.39
CA LYS A 77 37.86 -9.41 -15.76
C LYS A 77 38.60 -9.08 -14.47
N ILE A 78 39.25 -7.92 -14.43
CA ILE A 78 40.00 -7.48 -13.27
C ILE A 78 39.07 -7.09 -12.14
N VAL A 79 38.03 -6.33 -12.47
CA VAL A 79 37.00 -5.98 -11.51
C VAL A 79 36.44 -7.24 -10.87
N LEU A 80 36.11 -8.21 -11.72
CA LEU A 80 35.54 -9.47 -11.24
C LEU A 80 36.52 -10.27 -10.39
N HIS A 81 37.81 -10.19 -10.74
CA HIS A 81 38.81 -11.01 -10.07
C HIS A 81 39.33 -10.34 -8.79
N CYS A 82 39.39 -9.01 -8.81
CA CYS A 82 39.95 -8.26 -7.70
C CYS A 82 38.88 -7.48 -6.93
N LYS A 83 37.71 -8.10 -6.74
CA LYS A 83 36.58 -7.47 -6.08
C LYS A 83 36.93 -6.91 -4.70
N GLU A 84 37.59 -7.72 -3.88
CA GLU A 84 37.86 -7.34 -2.50
C GLU A 84 38.92 -6.25 -2.37
N ASN A 85 39.33 -5.69 -3.50
CA ASN A 85 40.23 -4.55 -3.53
C ASN A 85 39.75 -3.51 -4.54
N LEU A 86 38.48 -3.61 -4.91
CA LEU A 86 37.90 -2.81 -5.99
C LEU A 86 38.11 -1.30 -5.85
N ASN A 87 38.05 -0.81 -4.62
CA ASN A 87 38.19 0.63 -4.38
C ASN A 87 39.56 1.19 -4.78
N VAL A 88 40.48 0.31 -5.16
CA VAL A 88 41.81 0.74 -5.60
C VAL A 88 41.78 1.38 -6.99
N PHE A 89 41.08 0.75 -7.92
CA PHE A 89 41.21 1.09 -9.34
C PHE A 89 39.91 1.52 -10.00
N VAL A 90 38.84 1.60 -9.22
CA VAL A 90 37.52 1.88 -9.79
C VAL A 90 37.45 3.26 -10.46
N LYS A 91 38.01 4.27 -9.81
CA LYS A 91 38.03 5.62 -10.35
C LYS A 91 38.79 5.67 -11.69
N ASP A 92 39.82 4.85 -11.79
CA ASP A 92 40.61 4.77 -13.01
C ASP A 92 39.76 4.22 -14.14
N PHE A 93 39.22 3.03 -13.93
CA PHE A 93 38.39 2.36 -14.94
C PHE A 93 37.23 3.25 -15.37
N LEU A 94 36.61 3.93 -14.41
CA LEU A 94 35.52 4.86 -14.71
C LEU A 94 35.99 6.05 -15.54
N TYR A 95 37.20 6.54 -15.24
CA TYR A 95 37.79 7.63 -16.00
C TYR A 95 37.96 7.19 -17.46
N ILE A 96 38.44 5.97 -17.64
CA ILE A 96 38.63 5.42 -18.98
C ILE A 96 37.30 5.24 -19.71
N ASN A 98 34.45 6.77 -19.20
CA ASN A 98 33.91 8.09 -19.53
C ASN A 98 34.67 8.71 -20.69
N LYS A 99 35.99 8.52 -20.71
CA LYS A 99 36.83 9.03 -21.79
C LYS A 99 36.46 8.39 -23.13
N VAL A 100 36.11 7.11 -23.07
CA VAL A 100 35.67 6.38 -24.26
C VAL A 100 34.33 6.93 -24.71
N LEU A 101 33.37 6.97 -23.79
CA LEU A 101 32.05 7.51 -24.08
C LEU A 101 32.11 8.95 -24.58
N SER A 102 33.09 9.73 -24.12
CA SER A 102 33.23 11.11 -24.54
C SER A 102 33.80 11.24 -25.95
N ASN A 103 34.18 10.11 -26.54
CA ASN A 103 34.84 10.10 -27.84
C ASN A 103 33.91 9.66 -28.96
N ASN A 104 33.63 10.58 -29.90
CA ASN A 104 32.67 10.32 -30.97
C ASN A 104 33.12 9.32 -32.04
N ASN A 105 34.32 8.78 -31.89
CA ASN A 105 34.80 7.75 -32.80
C ASN A 105 34.61 6.35 -32.22
N PHE A 106 34.27 6.30 -30.94
CA PHE A 106 34.04 5.03 -30.25
C PHE A 106 32.57 4.87 -29.85
N ASN A 107 31.84 5.99 -29.87
CA ASN A 107 30.41 5.98 -29.53
C ASN A 107 29.60 5.14 -30.49
N ASN A 108 30.00 5.18 -31.76
CA ASN A 108 29.28 4.47 -32.81
C ASN A 108 29.22 2.97 -32.57
N ASP A 109 30.39 2.36 -32.36
CA ASP A 109 30.48 0.91 -32.22
C ASP A 109 29.66 0.37 -31.06
N VAL A 110 28.83 -0.63 -31.34
CA VAL A 110 27.93 -1.19 -30.35
C VAL A 110 28.67 -2.10 -29.36
N SER A 111 29.69 -2.80 -29.85
CA SER A 111 30.46 -3.72 -29.01
C SER A 111 31.17 -2.97 -27.90
N VAL A 112 31.69 -1.79 -28.23
CA VAL A 112 32.39 -0.97 -27.26
C VAL A 112 31.46 -0.60 -26.11
N VAL A 113 30.27 -0.13 -26.45
CA VAL A 113 29.27 0.27 -25.46
C VAL A 113 28.78 -0.94 -24.65
N GLU A 114 28.66 -2.09 -25.31
CA GLU A 114 28.31 -3.33 -24.65
C GLU A 114 29.31 -3.69 -23.55
N LEU A 115 30.59 -3.71 -23.92
CA LEU A 115 31.66 -4.03 -22.99
C LEU A 115 31.71 -3.00 -21.86
N ILE A 116 31.46 -1.74 -22.20
CA ILE A 116 31.37 -0.68 -21.22
C ILE A 116 30.30 -0.98 -20.18
N GLU A 117 29.08 -1.26 -20.64
CA GLU A 117 27.98 -1.59 -19.74
C GLU A 117 28.32 -2.82 -18.89
N LEU A 118 28.98 -3.80 -19.48
CA LEU A 118 29.33 -5.02 -18.75
C LEU A 118 30.28 -4.72 -17.60
N ALA A 119 31.32 -3.94 -17.91
CA ALA A 119 32.25 -3.49 -16.89
C ALA A 119 31.50 -2.73 -15.81
N PHE A 120 30.52 -1.93 -16.21
CA PHE A 120 29.74 -1.14 -15.27
C PHE A 120 28.88 -2.00 -14.35
N SER A 121 28.29 -3.06 -14.88
CA SER A 121 27.48 -3.97 -14.08
C SER A 121 28.35 -4.69 -13.06
N SER A 122 29.49 -5.21 -13.54
CA SER A 122 30.43 -5.88 -12.65
C SER A 122 30.98 -4.93 -11.58
N ILE A 123 31.04 -3.64 -11.91
CA ILE A 123 31.46 -2.64 -10.93
C ILE A 123 30.37 -2.43 -9.88
N CYS A 124 29.17 -2.10 -10.35
CA CYS A 124 28.06 -1.77 -9.46
C CYS A 124 27.72 -2.90 -8.51
N GLN A 125 27.88 -4.14 -8.97
CA GLN A 125 27.53 -5.28 -8.13
C GLN A 125 28.48 -5.48 -6.95
N ASN A 126 29.66 -4.89 -7.02
CA ASN A 126 30.69 -5.15 -6.01
C ASN A 126 31.22 -3.91 -5.28
N LEU A 127 30.41 -2.86 -5.21
CA LEU A 127 30.87 -1.61 -4.60
C LEU A 127 30.73 -1.58 -3.09
N ASP A 128 31.70 -0.94 -2.43
CA ASP A 128 31.61 -0.64 -1.01
C ASP A 128 31.15 0.80 -0.87
N ASP A 129 30.42 1.09 0.21
CA ASP A 129 29.89 2.44 0.43
C ASP A 129 30.99 3.46 0.75
N VAL A 130 32.22 2.94 0.89
CA VAL A 130 33.39 3.74 1.22
C VAL A 130 33.55 4.96 0.32
N LEU A 131 33.60 4.71 -0.98
CA LEU A 131 33.70 5.80 -1.95
C LEU A 131 32.34 6.46 -2.21
N CYS A 132 31.26 5.70 -2.01
CA CYS A 132 29.90 6.21 -2.12
C CYS A 132 29.74 7.45 -1.26
N ASN A 133 30.35 7.42 -0.07
CA ASN A 133 30.19 8.51 0.88
C ASN A 133 31.44 9.34 1.11
N GLY A 134 32.59 8.70 1.17
CA GLY A 134 33.83 9.39 1.46
C GLY A 134 34.36 10.26 0.33
N ASP A 135 34.54 9.67 -0.84
CA ASP A 135 35.18 10.36 -1.96
C ASP A 135 34.17 11.06 -2.87
N GLU A 137 35.20 12.74 -5.87
CA GLU A 137 35.65 12.52 -7.24
C GLU A 137 35.00 11.27 -7.81
N PHE A 138 34.91 10.22 -6.99
CA PHE A 138 34.25 8.99 -7.39
C PHE A 138 32.78 9.23 -7.71
N VAL A 139 32.13 10.02 -6.87
CA VAL A 139 30.73 10.41 -7.09
C VAL A 139 30.57 11.11 -8.44
N GLN A 140 31.48 12.03 -8.74
CA GLN A 140 31.40 12.72 -10.03
C GLN A 140 31.72 11.83 -11.23
N LEU A 141 32.56 10.82 -11.04
CA LEU A 141 32.86 9.89 -12.12
C LEU A 141 31.68 8.96 -12.41
N TYR A 142 31.01 8.54 -11.34
CA TYR A 142 29.82 7.71 -11.44
C TYR A 142 28.70 8.49 -12.13
N GLN A 143 28.49 9.71 -11.63
CA GLN A 143 27.50 10.62 -12.17
C GLN A 143 27.73 10.86 -13.65
N ASN A 144 28.96 11.23 -13.99
CA ASN A 144 29.37 11.42 -15.37
C ASN A 144 29.14 10.19 -16.22
N PHE A 145 29.44 9.02 -15.67
CA PHE A 145 29.21 7.79 -16.43
C PHE A 145 27.74 7.61 -16.76
N VAL A 146 26.87 7.71 -15.75
CA VAL A 146 25.44 7.51 -15.98
C VAL A 146 24.91 8.52 -17.00
N ASP A 147 25.25 9.79 -16.79
CA ASP A 147 24.85 10.86 -17.71
C ASP A 147 25.27 10.56 -19.15
N LEU A 148 26.55 10.26 -19.33
CA LEU A 148 27.10 9.98 -20.66
C LEU A 148 26.45 8.77 -21.30
N PHE A 149 26.24 7.72 -20.50
CA PHE A 149 25.68 6.48 -20.99
C PHE A 149 24.27 6.68 -21.51
N PHE A 150 23.44 7.38 -20.72
CA PHE A 150 22.11 7.71 -21.18
C PHE A 150 22.17 8.56 -22.45
N LYS A 151 22.96 9.64 -22.38
CA LYS A 151 23.05 10.59 -23.49
C LYS A 151 23.53 9.97 -24.79
N ILE A 152 24.25 8.85 -24.69
CA ILE A 152 24.83 8.20 -25.86
C ILE A 152 23.97 7.07 -26.38
N VAL A 153 23.47 6.22 -25.49
CA VAL A 153 22.63 5.11 -25.88
C VAL A 153 21.30 5.60 -26.49
N THR A 154 20.73 6.65 -25.90
CA THR A 154 19.49 7.23 -26.43
C THR A 154 19.67 7.79 -27.83
N GLU A 155 20.84 8.40 -28.07
CA GLU A 155 21.07 9.14 -29.30
C GLU A 155 21.85 8.38 -30.38
N ARG A 156 22.85 7.61 -29.96
CA ARG A 156 23.76 6.99 -30.93
C ARG A 156 23.58 5.48 -31.07
N ILE A 157 23.33 4.79 -29.97
CA ILE A 157 23.19 3.34 -29.97
C ILE A 157 21.75 2.91 -30.30
N HIS A 158 20.79 3.70 -29.83
CA HIS A 158 19.37 3.45 -30.06
C HIS A 158 18.93 2.09 -29.52
N ASN A 159 19.41 1.72 -28.34
CA ASN A 159 19.06 0.44 -27.75
C ASN A 159 18.56 0.60 -26.32
N ASP A 160 17.25 0.68 -26.15
CA ASP A 160 16.64 0.90 -24.84
C ASP A 160 16.99 -0.20 -23.84
N ASP A 161 17.31 -1.38 -24.36
CA ASP A 161 17.70 -2.52 -23.55
C ASP A 161 18.99 -2.22 -22.78
N LEU A 163 19.90 0.76 -21.75
CA LEU A 163 19.47 1.66 -20.69
C LEU A 163 18.83 0.89 -19.55
N LEU A 164 18.02 -0.12 -19.89
CA LEU A 164 17.42 -0.96 -18.87
C LEU A 164 18.48 -1.71 -18.06
N LYS A 165 19.49 -2.23 -18.76
CA LYS A 165 20.62 -2.86 -18.10
C LYS A 165 21.32 -1.89 -17.15
N CYS A 166 21.42 -0.64 -17.58
CA CYS A 166 22.05 0.40 -16.76
C CYS A 166 21.22 0.70 -15.52
N CYS A 167 19.91 0.70 -15.68
CA CYS A 167 19.00 0.88 -14.55
C CYS A 167 19.18 -0.24 -13.55
N ILE A 168 19.30 -1.46 -14.06
CA ILE A 168 19.52 -2.62 -13.21
C ILE A 168 20.86 -2.50 -12.49
N ASP A 169 21.85 -1.94 -13.17
CA ASP A 169 23.17 -1.73 -12.58
C ASP A 169 23.10 -0.75 -11.42
N ILE A 170 22.46 0.39 -11.65
CA ILE A 170 22.25 1.39 -10.60
C ILE A 170 21.50 0.77 -9.41
N SER A 171 20.50 -0.05 -9.71
CA SER A 171 19.72 -0.73 -8.69
C SER A 171 20.59 -1.72 -7.90
N ASN A 172 21.58 -2.29 -8.57
CA ASN A 172 22.45 -3.28 -7.94
C ASN A 172 23.61 -2.64 -7.19
N THR A 173 23.75 -1.33 -7.35
CA THR A 173 24.79 -0.59 -6.66
C THR A 173 24.44 -0.44 -5.19
N ASN A 174 25.45 -0.50 -4.32
CA ASN A 174 25.23 -0.45 -2.89
C ASN A 174 24.92 0.96 -2.36
N SER A 175 23.72 1.11 -1.78
CA SER A 175 23.32 2.31 -1.06
C SER A 175 23.28 3.60 -1.90
N VAL A 176 22.80 3.50 -3.13
CA VAL A 176 22.63 4.68 -3.97
C VAL A 176 21.39 5.45 -3.54
N SER A 177 20.37 4.72 -3.11
CA SER A 177 19.14 5.34 -2.63
C SER A 177 19.36 6.04 -1.30
N SER A 178 20.47 5.69 -0.64
CA SER A 178 20.82 6.30 0.64
C SER A 178 21.88 7.38 0.46
N ASN A 179 22.15 7.74 -0.79
CA ASN A 179 23.16 8.75 -1.09
C ASN A 179 22.56 9.97 -1.78
N PRO A 180 22.84 11.16 -1.24
CA PRO A 180 22.29 12.44 -1.72
C PRO A 180 22.68 12.75 -3.16
N GLN A 181 23.98 12.70 -3.44
CA GLN A 181 24.51 13.09 -4.74
C GLN A 181 24.08 12.15 -5.87
N LEU A 182 23.77 10.91 -5.52
CA LEU A 182 23.47 9.89 -6.52
C LEU A 182 22.02 9.43 -6.45
N ASN A 183 21.24 10.08 -5.59
CA ASN A 183 19.84 9.73 -5.37
C ASN A 183 18.98 9.74 -6.62
N HIS A 184 19.09 10.82 -7.39
CA HIS A 184 18.20 11.06 -8.54
C HIS A 184 18.26 9.97 -9.60
N PHE A 185 19.37 9.24 -9.65
CA PHE A 185 19.55 8.21 -10.65
C PHE A 185 18.59 7.03 -10.45
N VAL A 186 18.26 6.74 -9.20
CA VAL A 186 17.28 5.71 -8.90
C VAL A 186 15.91 6.14 -9.42
N SER A 187 15.57 7.39 -9.14
CA SER A 187 14.29 7.95 -9.57
C SER A 187 14.14 7.97 -11.09
N LYS A 188 15.18 8.43 -11.78
CA LYS A 188 15.14 8.51 -13.23
C LYS A 188 15.17 7.12 -13.85
N SER A 189 15.83 6.18 -13.18
CA SER A 189 15.86 4.80 -13.65
C SER A 189 14.47 4.19 -13.58
N VAL A 190 13.82 4.30 -12.42
CA VAL A 190 12.47 3.79 -12.25
C VAL A 190 11.50 4.47 -13.20
N ALA A 191 11.67 5.78 -13.37
CA ALA A 191 10.84 6.54 -14.30
C ALA A 191 10.98 6.01 -15.72
N TYR A 192 12.22 5.73 -16.12
CA TYR A 192 12.49 5.25 -17.47
C TYR A 192 11.95 3.85 -17.69
N THR A 193 12.14 2.96 -16.73
CA THR A 193 11.66 1.59 -16.89
C THR A 193 10.13 1.56 -16.88
N ILE A 194 9.52 2.44 -16.10
CA ILE A 194 8.07 2.55 -16.10
C ILE A 194 7.57 3.05 -17.46
N SER A 195 8.13 4.16 -17.93
CA SER A 195 7.70 4.74 -19.20
C SER A 195 7.98 3.80 -20.37
N LYS A 196 9.00 2.96 -20.23
CA LYS A 196 9.31 1.96 -21.26
C LYS A 196 8.57 0.65 -21.02
N PHE A 197 7.87 0.56 -19.88
CA PHE A 197 6.99 -0.57 -19.63
C PHE A 197 5.55 -0.18 -19.95
N GLN A 198 5.34 1.12 -20.15
CA GLN A 198 4.05 1.60 -20.61
C GLN A 198 4.13 1.79 -22.13
N GLU A 199 5.35 1.70 -22.64
CA GLU A 199 5.59 1.76 -24.08
C GLU A 199 5.29 0.41 -24.71
N ARG A 200 6.02 -0.62 -24.28
CA ARG A 200 5.60 -1.99 -24.53
C ARG A 200 4.49 -2.21 -23.53
N ASN A 201 3.60 -3.17 -23.81
CA ASN A 201 2.38 -3.33 -23.02
C ASN A 201 1.64 -2.02 -22.76
N PRO A 202 1.19 -1.34 -23.83
CA PRO A 202 0.57 -0.01 -23.64
C PRO A 202 -0.75 -0.05 -22.89
N LYS A 203 -1.20 -1.24 -22.52
CA LYS A 203 -2.43 -1.42 -21.76
C LYS A 203 -2.40 -0.61 -20.47
N PHE A 204 -1.22 -0.51 -19.87
CA PHE A 204 -1.05 0.18 -18.59
C PHE A 204 -0.99 1.70 -18.75
N LYS A 205 -1.12 2.17 -19.99
CA LYS A 205 -1.19 3.60 -20.23
C LYS A 205 -2.64 4.08 -20.23
N THR A 206 -3.56 3.12 -20.13
CA THR A 206 -5.00 3.43 -20.10
C THR A 206 -5.38 4.19 -18.83
N LEU A 207 -6.52 4.88 -18.88
CA LEU A 207 -6.95 5.76 -17.81
C LEU A 207 -7.89 5.03 -16.84
N SER A 208 -7.84 3.70 -16.84
CA SER A 208 -8.70 2.91 -15.96
C SER A 208 -8.45 3.27 -14.49
N LEU A 209 -9.45 3.87 -13.87
CA LEU A 209 -9.28 4.41 -12.52
C LEU A 209 -10.42 4.00 -11.59
N GLU A 210 -11.46 3.40 -12.16
CA GLU A 210 -12.59 2.95 -11.35
C GLU A 210 -13.34 1.82 -12.06
N ALA A 211 -14.19 1.13 -11.31
CA ALA A 211 -14.98 0.03 -11.86
C ALA A 211 -16.36 -0.03 -11.22
N THR A 228 -0.82 -14.57 -16.24
CA THR A 228 -1.00 -14.23 -14.83
C THR A 228 -0.76 -12.74 -14.59
N ILE A 229 -1.69 -12.11 -13.88
CA ILE A 229 -1.64 -10.67 -13.62
C ILE A 229 -0.47 -10.30 -12.70
N GLY A 230 -0.07 -11.24 -11.85
CA GLY A 230 0.99 -10.99 -10.88
C GLY A 230 2.38 -10.84 -11.48
N LEU A 231 3.23 -10.09 -10.79
CA LEU A 231 4.61 -9.89 -11.21
C LEU A 231 5.50 -11.00 -10.68
N ASP A 232 5.12 -11.57 -9.54
CA ASP A 232 5.84 -12.71 -8.98
C ASP A 232 5.81 -13.88 -9.96
N LYS A 233 4.69 -14.03 -10.65
CA LYS A 233 4.53 -15.06 -11.66
C LYS A 233 4.94 -14.57 -13.05
N ALA A 234 5.29 -13.29 -13.14
CA ALA A 234 5.72 -12.71 -14.41
C ALA A 234 7.25 -12.68 -14.48
N ALA A 235 7.89 -13.15 -13.42
CA ALA A 235 9.35 -13.20 -13.36
C ALA A 235 9.89 -14.56 -13.78
N GLU A 236 9.06 -15.33 -14.47
CA GLU A 236 9.44 -16.68 -14.89
C GLU A 236 10.52 -16.67 -15.96
N ASP A 237 10.54 -15.61 -16.75
CA ASP A 237 11.49 -15.46 -17.85
C ASP A 237 11.44 -16.62 -18.83
N HIS A 239 12.49 -13.12 -22.22
CA HIS A 239 11.60 -12.32 -21.40
C HIS A 239 11.89 -10.84 -21.57
N ASP A 240 10.94 -9.99 -21.17
CA ASP A 240 11.09 -8.55 -21.27
C ASP A 240 12.04 -8.03 -20.20
N LEU A 241 12.91 -7.10 -20.58
CA LEU A 241 13.89 -6.53 -19.66
C LEU A 241 13.27 -5.53 -18.70
N SER A 242 12.21 -4.85 -19.13
CA SER A 242 11.56 -3.86 -18.30
C SER A 242 11.03 -4.51 -17.03
N VAL A 243 10.51 -5.72 -17.16
CA VAL A 243 10.02 -6.48 -16.03
C VAL A 243 11.15 -6.83 -15.08
N LYS A 244 12.30 -7.19 -15.64
CA LYS A 244 13.48 -7.48 -14.83
C LYS A 244 13.91 -6.25 -14.05
N ALA A 245 13.79 -5.08 -14.67
CA ALA A 245 14.10 -3.82 -14.01
C ALA A 245 13.12 -3.53 -12.88
N LEU A 246 11.83 -3.76 -13.15
CA LEU A 246 10.78 -3.59 -12.14
C LEU A 246 11.03 -4.49 -10.94
N GLN A 247 11.37 -5.74 -11.20
CA GLN A 247 11.68 -6.69 -10.14
C GLN A 247 12.92 -6.23 -9.39
N SER A 248 13.86 -5.64 -10.12
CA SER A 248 15.11 -5.17 -9.51
C SER A 248 14.88 -4.01 -8.54
N TYR A 249 13.95 -3.13 -8.90
CA TYR A 249 13.70 -1.93 -8.08
C TYR A 249 12.62 -2.09 -7.01
N PHE A 250 11.70 -3.03 -7.22
CA PHE A 250 10.57 -3.18 -6.32
C PHE A 250 10.62 -4.45 -5.46
N ASN A 251 10.99 -5.58 -6.07
CA ASN A 251 11.20 -6.78 -5.29
C ASN A 251 12.50 -6.65 -4.51
N THR A 252 12.41 -6.06 -3.33
CA THR A 252 13.59 -5.78 -2.52
C THR A 252 13.22 -5.55 -1.06
N THR A 253 14.17 -5.77 -0.18
CA THR A 253 13.96 -5.55 1.24
C THR A 253 14.63 -4.24 1.68
N GLU A 254 15.33 -3.61 0.74
CA GLU A 254 15.99 -2.34 1.01
C GLU A 254 14.96 -1.20 1.03
N THR A 255 14.68 -0.71 2.24
CA THR A 255 13.61 0.26 2.47
C THR A 255 13.76 1.54 1.65
N ASP A 256 14.99 2.03 1.53
CA ASP A 256 15.25 3.30 0.85
C ASP A 256 14.94 3.21 -0.63
N LYS A 257 15.49 2.17 -1.27
CA LYS A 257 15.28 1.91 -2.68
C LYS A 257 13.79 1.83 -2.99
N LEU A 258 13.06 1.15 -2.11
CA LEU A 258 11.63 0.98 -2.30
C LEU A 258 10.86 2.28 -2.05
N ASN A 259 11.36 3.10 -1.12
CA ASN A 259 10.80 4.42 -0.89
C ASN A 259 10.82 5.21 -2.18
N LEU A 260 12.02 5.41 -2.71
CA LEU A 260 12.17 6.21 -3.93
C LEU A 260 11.43 5.58 -5.11
N SER A 261 11.47 4.25 -5.20
CA SER A 261 10.81 3.54 -6.29
C SER A 261 9.31 3.77 -6.28
N ILE A 262 8.71 3.65 -5.09
CA ILE A 262 7.28 3.85 -4.97
C ILE A 262 6.91 5.30 -5.22
N ARG A 263 7.67 6.23 -4.65
CA ARG A 263 7.42 7.64 -4.84
C ARG A 263 7.39 7.98 -6.33
N THR A 264 8.40 7.49 -7.06
CA THR A 264 8.48 7.69 -8.49
C THR A 264 7.32 7.02 -9.21
N LEU A 265 6.89 5.87 -8.69
CA LEU A 265 5.76 5.16 -9.27
C LEU A 265 4.49 6.00 -9.20
N LEU A 266 4.22 6.53 -8.00
CA LEU A 266 3.04 7.35 -7.79
C LEU A 266 3.10 8.62 -8.64
N ARG A 267 4.30 9.21 -8.72
CA ARG A 267 4.50 10.40 -9.52
C ARG A 267 4.20 10.13 -11.00
N CYS A 268 4.70 9.00 -11.50
CA CYS A 268 4.48 8.63 -12.89
C CYS A 268 3.08 8.06 -13.07
N LEU A 269 2.36 7.91 -11.96
CA LEU A 269 1.00 7.35 -11.97
C LEU A 269 -0.04 8.47 -11.93
N GLN A 270 0.41 9.66 -11.52
CA GLN A 270 -0.46 10.84 -11.57
C GLN A 270 -0.67 11.29 -13.01
N SER A 271 0.30 11.00 -13.86
CA SER A 271 0.23 11.38 -15.27
C SER A 271 -0.53 10.34 -16.10
N THR A 272 -0.29 9.07 -15.79
CA THR A 272 -1.03 7.98 -16.42
C THR A 272 -1.66 7.08 -15.36
N PRO A 273 -2.82 7.48 -14.82
CA PRO A 273 -3.54 6.74 -13.77
C PRO A 273 -4.01 5.37 -14.24
N ASN A 274 -3.48 4.31 -13.62
CA ASN A 274 -3.83 2.95 -13.98
C ASN A 274 -3.78 2.00 -12.79
N LYS A 275 -4.94 1.48 -12.41
CA LYS A 275 -5.04 0.62 -11.24
C LYS A 275 -4.33 -0.72 -11.44
N GLU A 276 -4.37 -1.24 -12.68
CA GLU A 276 -3.76 -2.52 -12.99
C GLU A 276 -2.24 -2.46 -12.90
N LEU A 277 -1.68 -1.30 -13.24
CA LEU A 277 -0.24 -1.08 -13.13
C LEU A 277 0.17 -1.14 -11.68
N LEU A 278 -0.59 -0.46 -10.83
CA LEU A 278 -0.37 -0.47 -9.40
C LEU A 278 -0.46 -1.89 -8.85
N GLU A 279 -1.46 -2.63 -9.33
CA GLU A 279 -1.67 -4.02 -8.94
C GLU A 279 -0.44 -4.86 -9.29
N PHE A 280 0.06 -4.67 -10.50
CA PHE A 280 1.21 -5.40 -11.01
C PHE A 280 2.47 -5.13 -10.18
N VAL A 281 2.82 -3.85 -10.07
CA VAL A 281 4.00 -3.45 -9.32
C VAL A 281 3.90 -3.90 -7.85
N CYS A 282 2.69 -3.86 -7.31
CA CYS A 282 2.46 -4.35 -5.95
C CYS A 282 2.71 -5.85 -5.85
N ASN A 283 2.32 -6.58 -6.89
CA ASN A 283 2.64 -8.00 -6.96
C ASN A 283 4.15 -8.20 -6.97
N GLY A 284 4.86 -7.25 -7.57
CA GLY A 284 6.32 -7.27 -7.52
C GLY A 284 6.89 -7.05 -6.14
N ILE A 285 6.40 -6.01 -5.47
CA ILE A 285 6.82 -5.66 -4.10
C ILE A 285 6.62 -6.83 -3.15
N PRO A 286 7.62 -7.10 -2.29
CA PRO A 286 7.49 -8.13 -1.26
C PRO A 286 6.23 -7.95 -0.43
N VAL A 287 5.47 -9.04 -0.31
CA VAL A 287 4.20 -9.08 0.41
C VAL A 287 4.25 -8.39 1.77
N GLN A 288 5.38 -8.57 2.45
CA GLN A 288 5.55 -8.15 3.85
C GLN A 288 5.26 -6.68 4.14
N LEU A 289 5.85 -5.79 3.35
CA LEU A 289 5.80 -4.37 3.69
C LEU A 289 5.05 -3.48 2.70
N ARG A 290 4.19 -4.09 1.89
CA ARG A 290 3.40 -3.36 0.90
C ARG A 290 2.59 -2.21 1.49
N TYR A 291 2.29 -2.30 2.78
CA TYR A 291 1.60 -1.22 3.50
C TYR A 291 2.23 0.13 3.22
N ILE A 292 3.56 0.14 3.07
CA ILE A 292 4.30 1.38 2.85
C ILE A 292 3.72 2.16 1.67
N VAL A 293 3.34 1.44 0.60
CA VAL A 293 2.72 2.06 -0.56
C VAL A 293 1.55 2.92 -0.10
N ILE A 294 0.61 2.27 0.57
CA ILE A 294 -0.57 2.94 1.09
C ILE A 294 -0.16 4.21 1.84
N LEU A 295 0.84 4.07 2.71
CA LEU A 295 1.30 5.20 3.52
C LEU A 295 1.64 6.37 2.62
N LEU A 296 2.50 6.13 1.64
CA LEU A 296 2.89 7.19 0.72
C LEU A 296 1.67 7.79 0.03
N LEU A 297 0.77 6.92 -0.41
CA LEU A 297 -0.48 7.37 -1.04
C LEU A 297 -1.21 8.33 -0.10
N VAL A 298 -1.32 7.94 1.17
CA VAL A 298 -1.98 8.79 2.15
C VAL A 298 -1.22 10.11 2.26
N ARG A 299 0.10 10.01 2.33
CA ARG A 299 0.94 11.19 2.44
C ARG A 299 0.76 12.08 1.22
N GLN A 300 0.40 11.46 0.09
CA GLN A 300 0.22 12.19 -1.16
C GLN A 300 -0.93 13.19 -1.04
N LEU A 301 -1.86 12.92 -0.14
CA LEU A 301 -2.96 13.84 0.11
C LEU A 301 -2.50 15.05 0.90
N SER A 302 -1.55 14.82 1.81
CA SER A 302 -1.06 15.86 2.70
C SER A 302 -0.08 16.79 1.99
N ASP A 303 0.36 16.35 0.81
CA ASP A 303 1.35 17.08 0.03
C ASP A 303 0.83 18.44 -0.42
N LYS A 304 1.74 19.40 -0.56
CA LYS A 304 1.39 20.77 -0.92
C LYS A 304 1.61 21.08 -2.41
N ASP A 305 1.92 20.06 -3.20
CA ASP A 305 2.34 20.24 -4.59
C ASP A 305 1.38 21.04 -5.48
N LYS A 306 0.11 20.63 -5.49
CA LYS A 306 -0.98 21.25 -6.30
C LYS A 306 -1.04 20.81 -7.76
N ASN A 307 -0.14 19.93 -8.18
CA ASN A 307 -0.26 19.34 -9.51
C ASN A 307 -0.66 17.89 -9.33
N VAL A 308 -1.00 17.55 -8.09
CA VAL A 308 -1.41 16.21 -7.72
C VAL A 308 -2.90 16.19 -7.45
N ASN A 309 -3.62 15.33 -8.16
CA ASN A 309 -5.05 15.18 -7.94
C ASN A 309 -5.28 14.17 -6.82
N PRO A 310 -5.78 14.66 -5.66
CA PRO A 310 -6.00 13.80 -4.49
C PRO A 310 -7.01 12.72 -4.80
N ILE A 311 -7.93 13.03 -5.72
CA ILE A 311 -8.96 12.10 -6.13
C ILE A 311 -8.33 10.88 -6.79
N VAL A 312 -7.32 11.12 -7.63
CA VAL A 312 -6.60 10.04 -8.29
C VAL A 312 -5.98 9.09 -7.26
N SER A 313 -5.24 9.66 -6.32
CA SER A 313 -4.59 8.87 -5.28
C SER A 313 -5.61 8.11 -4.41
N LEU A 314 -6.75 8.75 -4.14
CA LEU A 314 -7.80 8.10 -3.39
C LEU A 314 -8.34 6.88 -4.14
N LYS A 315 -8.67 7.09 -5.41
CA LYS A 315 -9.18 6.00 -6.25
C LYS A 315 -8.16 4.88 -6.42
N LEU A 316 -6.88 5.23 -6.39
CA LEU A 316 -5.81 4.24 -6.49
C LEU A 316 -5.69 3.43 -5.20
N SER A 318 -8.21 2.92 -3.11
CA SER A 318 -9.40 2.08 -3.19
C SER A 318 -9.16 0.85 -4.05
N SER A 319 -8.68 1.09 -5.28
CA SER A 319 -8.40 0.02 -6.24
C SER A 319 -7.44 -1.00 -5.66
N LEU A 320 -6.50 -0.54 -4.84
CA LEU A 320 -5.54 -1.44 -4.23
C LEU A 320 -6.18 -2.27 -3.12
N LEU A 321 -6.92 -1.59 -2.24
CA LEU A 321 -7.52 -2.20 -1.06
C LEU A 321 -8.58 -3.24 -1.41
N VAL A 322 -9.29 -3.01 -2.50
CA VAL A 322 -10.36 -3.93 -2.91
C VAL A 322 -9.84 -5.28 -3.42
N SER A 323 -8.76 -5.25 -4.20
CA SER A 323 -8.27 -6.45 -4.90
C SER A 323 -7.61 -7.49 -4.00
N ASP A 324 -7.15 -8.57 -4.61
CA ASP A 324 -6.57 -9.72 -3.91
C ASP A 324 -5.25 -9.42 -3.21
N VAL A 325 -4.58 -8.35 -3.64
CA VAL A 325 -3.27 -8.00 -3.10
C VAL A 325 -3.29 -7.87 -1.58
N SER A 326 -2.58 -8.78 -0.91
CA SER A 326 -2.48 -8.78 0.54
C SER A 326 -1.66 -7.58 1.01
N ILE A 327 -2.16 -6.88 2.01
CA ILE A 327 -1.44 -5.76 2.61
C ILE A 327 -1.27 -6.02 4.10
N VAL A 328 -0.31 -6.89 4.43
CA VAL A 328 -0.07 -7.34 5.79
C VAL A 328 0.37 -6.19 6.70
N GLY A 329 -0.10 -6.21 7.94
CA GLY A 329 0.35 -5.27 8.94
C GLY A 329 0.02 -3.82 8.63
N LEU A 330 -1.20 -3.58 8.20
CA LEU A 330 -1.65 -2.22 7.94
C LEU A 330 -2.17 -1.58 9.23
N SER A 331 -1.70 -0.36 9.51
CA SER A 331 -2.19 0.40 10.66
C SER A 331 -3.52 1.07 10.31
N VAL A 332 -4.50 0.20 10.06
CA VAL A 332 -5.86 0.54 9.67
C VAL A 332 -6.43 1.77 10.36
N LEU A 333 -6.28 1.77 11.69
CA LEU A 333 -6.77 2.87 12.50
C LEU A 333 -6.11 4.19 12.11
N ASP A 334 -4.78 4.18 12.05
CA ASP A 334 -4.02 5.37 11.70
C ASP A 334 -4.39 5.90 10.32
N ILE A 335 -4.40 5.01 9.32
CA ILE A 335 -4.70 5.40 7.95
C ILE A 335 -6.11 6.00 7.89
N ARG A 337 -7.88 7.37 10.31
CA ARG A 337 -7.90 8.65 11.01
C ARG A 337 -7.33 9.74 10.11
N LYS A 338 -6.27 9.41 9.38
CA LYS A 338 -5.66 10.38 8.47
C LYS A 338 -6.62 10.77 7.33
N LEU A 339 -7.21 9.76 6.69
CA LEU A 339 -8.17 10.00 5.62
C LEU A 339 -9.32 10.88 6.11
N LEU A 340 -9.90 10.49 7.24
CA LEU A 340 -11.01 11.23 7.84
C LEU A 340 -10.64 12.67 8.11
N ASN A 341 -9.50 12.87 8.76
CA ASN A 341 -9.03 14.22 9.09
C ASN A 341 -8.89 15.07 7.83
N PHE A 342 -8.30 14.49 6.80
CA PHE A 342 -8.17 15.17 5.51
C PHE A 342 -9.55 15.54 4.94
N GLN A 343 -10.52 14.66 5.15
CA GLN A 343 -11.88 14.92 4.68
C GLN A 343 -12.54 16.05 5.48
N LEU A 344 -12.17 16.18 6.75
CA LEU A 344 -12.78 17.18 7.62
C LEU A 344 -12.19 18.56 7.36
N LYS A 345 -10.89 18.61 7.06
CA LYS A 345 -10.25 19.88 6.70
C LYS A 345 -10.83 20.45 5.41
N ASN A 346 -11.03 19.58 4.42
CA ASN A 346 -11.69 19.96 3.18
C ASN A 346 -13.01 19.21 3.04
N ALA A 347 -14.12 19.84 3.42
CA ALA A 347 -15.39 19.14 3.47
C ALA A 347 -16.48 19.73 2.59
N THR A 348 -16.13 20.72 1.76
CA THR A 348 -17.13 21.38 0.93
C THR A 348 -17.16 20.85 -0.51
N ASN A 349 -16.46 19.75 -0.76
CA ASN A 349 -16.41 19.19 -2.10
C ASN A 349 -17.07 17.81 -2.16
N LYS A 350 -17.81 17.57 -3.25
CA LYS A 350 -18.36 16.25 -3.50
C LYS A 350 -17.24 15.24 -3.67
N GLU A 351 -16.11 15.67 -4.23
CA GLU A 351 -15.02 14.73 -4.45
C GLU A 351 -14.26 14.41 -3.17
N VAL A 352 -13.87 15.44 -2.43
CA VAL A 352 -13.11 15.25 -1.20
C VAL A 352 -13.93 14.53 -0.13
N VAL A 353 -15.25 14.68 -0.18
CA VAL A 353 -16.10 14.04 0.81
C VAL A 353 -16.57 12.66 0.36
N ALA A 354 -16.95 12.52 -0.92
CA ALA A 354 -17.44 11.22 -1.39
C ALA A 354 -16.35 10.22 -1.68
N GLN A 355 -15.24 10.64 -2.30
CA GLN A 355 -14.17 9.70 -2.59
C GLN A 355 -13.51 9.21 -1.29
N SER A 356 -13.53 10.05 -0.27
CA SER A 356 -13.13 9.63 1.06
C SER A 356 -14.21 8.74 1.68
N CYS A 357 -15.47 9.07 1.47
CA CYS A 357 -16.59 8.26 1.95
C CYS A 357 -16.53 6.84 1.38
N ILE A 358 -15.94 6.72 0.19
CA ILE A 358 -15.83 5.45 -0.51
C ILE A 358 -14.57 4.71 -0.09
N THR A 359 -13.43 5.40 -0.15
CA THR A 359 -12.15 4.77 0.19
C THR A 359 -12.10 4.31 1.65
N THR A 361 -14.41 3.08 3.53
CA THR A 361 -15.06 1.79 3.71
C THR A 361 -14.38 0.72 2.87
N ASP A 362 -13.91 1.12 1.68
CA ASP A 362 -13.08 0.28 0.82
C ASP A 362 -11.87 -0.27 1.53
N LEU A 363 -11.52 0.39 2.63
CA LEU A 363 -10.34 0.05 3.39
C LEU A 363 -10.76 -0.98 4.43
N ASN A 364 -12.01 -0.90 4.87
CA ASN A 364 -12.61 -1.90 5.75
C ASN A 364 -12.97 -3.18 4.97
N HIS A 365 -12.95 -3.09 3.63
CA HIS A 365 -13.19 -4.24 2.73
C HIS A 365 -12.57 -5.52 3.25
N LYS A 366 -11.35 -5.42 3.74
CA LYS A 366 -10.68 -6.55 4.38
C LYS A 366 -10.47 -6.36 5.89
N THR A 367 -10.79 -7.41 6.65
CA THR A 367 -10.75 -7.36 8.11
C THR A 367 -9.40 -7.84 8.67
N TYR A 368 -8.58 -6.91 9.12
CA TYR A 368 -7.26 -7.26 9.64
C TYR A 368 -7.35 -7.79 11.08
N TYR A 369 -8.37 -7.34 11.79
CA TYR A 369 -8.69 -7.86 13.12
C TYR A 369 -10.15 -7.59 13.47
N ALA A 370 -10.68 -8.33 14.42
CA ALA A 370 -12.12 -8.28 14.73
C ALA A 370 -12.58 -6.94 15.29
N GLU A 371 -11.75 -6.33 16.13
CA GLU A 371 -12.10 -5.08 16.81
C GLU A 371 -12.15 -3.90 15.85
N GLN A 372 -11.66 -4.09 14.62
CA GLN A 372 -11.47 -2.95 13.69
C GLN A 372 -12.75 -2.20 13.31
N THR A 373 -13.75 -2.92 12.81
CA THR A 373 -15.02 -2.35 12.36
C THR A 373 -15.59 -1.44 13.43
N SER A 374 -15.89 -2.02 14.59
CA SER A 374 -16.29 -1.26 15.77
C SER A 374 -15.40 -0.01 15.95
N ASP A 375 -14.09 -0.23 16.11
CA ASP A 375 -13.12 0.86 16.27
C ASP A 375 -13.32 1.95 15.21
N LEU A 377 -16.01 2.76 13.38
CA LEU A 377 -17.23 3.49 13.72
C LEU A 377 -17.01 4.33 14.96
N TYR A 378 -16.30 3.75 15.93
CA TYR A 378 -16.09 4.41 17.20
C TYR A 378 -15.35 5.72 16.97
N GLU A 379 -14.34 5.68 16.10
CA GLU A 379 -13.51 6.85 15.86
C GLU A 379 -14.36 8.01 15.37
N LEU A 380 -15.46 7.66 14.68
CA LEU A 380 -16.38 8.66 14.17
C LEU A 380 -17.30 9.17 15.26
N LEU A 381 -17.79 8.25 16.09
CA LEU A 381 -18.71 8.59 17.18
C LEU A 381 -18.12 9.65 18.09
N LEU A 382 -16.88 9.42 18.52
CA LEU A 382 -16.16 10.36 19.36
C LEU A 382 -16.08 11.74 18.72
N LYS A 383 -15.90 11.77 17.40
CA LYS A 383 -15.80 13.05 16.71
C LYS A 383 -17.16 13.72 16.65
N LEU A 384 -18.22 12.92 16.60
CA LEU A 384 -19.58 13.46 16.54
C LEU A 384 -20.04 14.01 17.89
N LYS A 385 -19.67 13.33 18.96
CA LYS A 385 -20.11 13.69 20.30
C LYS A 385 -19.63 15.08 20.71
N SER A 386 -18.38 15.40 20.37
CA SER A 386 -17.80 16.69 20.69
C SER A 386 -18.47 17.80 19.88
N ASP A 387 -18.69 18.95 20.51
CA ASP A 387 -19.31 20.08 19.83
C ASP A 387 -18.29 20.94 19.12
N THR A 388 -17.03 20.51 19.16
CA THR A 388 -15.94 21.28 18.55
C THR A 388 -16.03 21.31 17.04
N VAL A 389 -16.60 20.27 16.45
CA VAL A 389 -16.62 20.14 14.99
C VAL A 389 -17.77 20.93 14.34
N LYS A 390 -17.56 21.28 13.07
CA LYS A 390 -18.50 22.09 12.30
C LYS A 390 -19.59 21.21 11.69
N ASP A 391 -20.68 21.83 11.22
CA ASP A 391 -21.83 21.12 10.67
C ASP A 391 -21.49 20.14 9.56
N VAL A 392 -20.60 20.55 8.65
CA VAL A 392 -20.30 19.73 7.49
C VAL A 392 -19.50 18.49 7.88
N GLU A 393 -18.78 18.55 8.99
CA GLU A 393 -18.13 17.37 9.54
C GLU A 393 -19.18 16.40 10.07
N LYS A 394 -20.22 16.96 10.68
CA LYS A 394 -21.34 16.16 11.15
C LYS A 394 -21.96 15.41 9.98
N ASN A 395 -22.36 16.16 8.95
CA ASN A 395 -22.95 15.59 7.76
C ASN A 395 -22.07 14.52 7.12
N ALA A 396 -20.79 14.84 6.98
CA ALA A 396 -19.82 13.95 6.35
C ALA A 396 -19.69 12.65 7.11
N VAL A 397 -19.53 12.75 8.43
CA VAL A 397 -19.42 11.57 9.27
C VAL A 397 -20.69 10.74 9.18
N VAL A 398 -21.84 11.41 9.19
CA VAL A 398 -23.13 10.73 9.04
C VAL A 398 -23.17 9.89 7.76
N GLU A 399 -22.80 10.52 6.65
CA GLU A 399 -22.76 9.82 5.36
C GLU A 399 -21.73 8.68 5.39
N ASP A 400 -20.66 8.87 6.16
CA ASP A 400 -19.61 7.87 6.27
C ASP A 400 -20.09 6.61 6.99
N ILE A 401 -20.75 6.81 8.13
CA ILE A 401 -21.33 5.70 8.87
C ILE A 401 -22.38 5.03 8.02
N ASP A 402 -23.16 5.86 7.32
CA ASP A 402 -24.17 5.39 6.39
C ASP A 402 -23.57 4.38 5.40
N PHE A 403 -22.49 4.79 4.74
CA PHE A 403 -21.80 3.95 3.77
C PHE A 403 -21.21 2.68 4.41
N LEU A 404 -20.60 2.86 5.57
CA LEU A 404 -20.02 1.74 6.33
C LEU A 404 -21.05 0.65 6.61
N VAL A 405 -22.12 1.03 7.31
CA VAL A 405 -23.19 0.10 7.64
C VAL A 405 -23.79 -0.50 6.38
N GLU A 406 -23.91 0.29 5.32
CA GLU A 406 -24.36 -0.21 4.03
C GLU A 406 -23.40 -1.28 3.48
N HIS A 407 -22.15 -1.26 3.95
CA HIS A 407 -21.18 -2.26 3.49
C HIS A 407 -20.75 -3.30 4.52
N ILE A 408 -21.15 -3.13 5.77
CA ILE A 408 -20.84 -4.13 6.79
C ILE A 408 -21.74 -5.36 6.62
N THR A 409 -21.17 -6.43 6.09
CA THR A 409 -21.94 -7.62 5.76
C THR A 409 -22.39 -8.40 6.99
N GLN A 410 -21.51 -8.51 7.98
CA GLN A 410 -21.76 -9.40 9.11
C GLN A 410 -21.48 -8.78 10.48
N PRO A 411 -22.32 -9.14 11.49
CA PRO A 411 -22.39 -8.57 12.84
C PRO A 411 -21.05 -8.40 13.58
N SER A 412 -20.89 -7.26 14.25
CA SER A 412 -19.65 -6.90 14.93
C SER A 412 -19.74 -5.69 15.89
N ILE A 413 -20.87 -5.55 16.58
CA ILE A 413 -21.09 -4.35 17.42
C ILE A 413 -21.30 -4.64 18.91
N SER A 414 -20.67 -3.84 19.76
CA SER A 414 -21.03 -3.79 21.17
C SER A 414 -22.29 -2.93 21.30
N LEU A 415 -23.35 -3.52 21.85
CA LEU A 415 -24.67 -2.87 21.92
C LEU A 415 -24.65 -1.41 22.38
N GLU A 416 -23.72 -1.09 23.27
CA GLU A 416 -23.57 0.29 23.76
C GLU A 416 -23.15 1.23 22.64
N LEU A 417 -22.23 0.76 21.80
CA LEU A 417 -21.82 1.52 20.62
C LEU A 417 -23.01 1.70 19.70
N PHE A 418 -23.80 0.64 19.54
CA PHE A 418 -25.02 0.71 18.75
C PHE A 418 -25.97 1.75 19.31
N ILE A 419 -25.95 1.94 20.61
CA ILE A 419 -26.82 2.91 21.28
C ILE A 419 -26.36 4.34 21.03
N ASP A 420 -25.10 4.62 21.35
CA ASP A 420 -24.51 5.94 21.14
C ASP A 420 -24.64 6.35 19.68
N LEU A 421 -24.38 5.41 18.77
CA LEU A 421 -24.54 5.67 17.35
C LEU A 421 -26.01 5.83 16.95
N ALA A 422 -26.88 5.06 17.58
CA ALA A 422 -28.30 5.10 17.26
C ALA A 422 -28.87 6.48 17.55
N HIS A 423 -28.35 7.11 18.60
CA HIS A 423 -28.83 8.44 18.95
C HIS A 423 -28.66 9.46 17.81
N TYR A 424 -27.62 9.28 16.99
CA TYR A 424 -27.26 10.29 16.01
C TYR A 424 -27.89 10.13 14.62
N LYS A 426 -31.18 8.24 13.44
CA LYS A 426 -32.36 7.41 13.66
C LYS A 426 -32.94 6.80 12.37
N ASN A 427 -32.48 7.28 11.22
CA ASN A 427 -32.90 6.74 9.94
C ASN A 427 -32.33 5.35 9.68
N HIS A 428 -31.06 5.16 10.03
CA HIS A 428 -30.36 3.91 9.73
C HIS A 428 -30.05 3.08 10.95
N ILE A 429 -30.89 3.13 11.97
CA ILE A 429 -30.64 2.34 13.19
C ILE A 429 -30.91 0.87 12.94
N ILE A 430 -31.97 0.57 12.20
CA ILE A 430 -32.36 -0.81 11.92
C ILE A 430 -31.18 -1.59 11.36
N CYS A 431 -30.57 -1.04 10.31
CA CYS A 431 -29.40 -1.63 9.70
C CYS A 431 -28.31 -1.85 10.75
N LEU A 432 -28.04 -0.81 11.54
CA LEU A 432 -27.07 -0.91 12.64
C LEU A 432 -27.42 -2.05 13.59
N PHE A 433 -28.71 -2.20 13.87
CA PHE A 433 -29.14 -3.24 14.79
C PHE A 433 -28.84 -4.63 14.24
N ASN A 434 -28.86 -4.74 12.92
CA ASN A 434 -28.56 -6.03 12.28
C ASN A 434 -27.09 -6.39 12.41
N ILE A 435 -26.29 -5.45 12.90
CA ILE A 435 -24.86 -5.69 13.07
C ILE A 435 -24.51 -6.03 14.53
N VAL A 436 -25.48 -5.88 15.42
CA VAL A 436 -25.22 -6.21 16.82
C VAL A 436 -25.44 -7.69 17.10
N GLU A 437 -24.37 -8.41 17.44
CA GLU A 437 -24.51 -9.80 17.86
C GLU A 437 -24.00 -9.99 19.29
N THR A 438 -24.57 -9.21 20.21
CA THR A 438 -24.34 -9.43 21.63
C THR A 438 -25.38 -10.43 22.09
N GLU A 439 -24.95 -11.65 22.39
CA GLU A 439 -25.88 -12.71 22.78
C GLU A 439 -26.54 -12.43 24.13
N VAL A 440 -25.78 -11.83 25.04
CA VAL A 440 -26.31 -11.47 26.35
C VAL A 440 -25.99 -10.02 26.71
N PRO A 441 -27.04 -9.19 26.88
CA PRO A 441 -26.89 -7.80 27.32
C PRO A 441 -27.24 -7.64 28.80
N SER A 442 -26.76 -6.56 29.41
CA SER A 442 -27.08 -6.25 30.79
C SER A 442 -28.53 -5.79 30.94
N SER A 443 -29.05 -5.84 32.16
CA SER A 443 -30.42 -5.41 32.43
C SER A 443 -30.56 -3.90 32.28
N ILE A 444 -29.47 -3.17 32.50
CA ILE A 444 -29.46 -1.73 32.36
C ILE A 444 -29.42 -1.34 30.88
N LEU A 445 -28.62 -2.07 30.11
CA LEU A 445 -28.50 -1.84 28.68
C LEU A 445 -29.85 -1.98 27.99
N PHE A 446 -30.68 -2.89 28.50
CA PHE A 446 -32.03 -3.04 27.97
C PHE A 446 -32.84 -1.76 28.17
N SER A 447 -32.90 -1.28 29.41
CA SER A 447 -33.64 -0.07 29.73
C SER A 447 -33.13 1.13 28.92
N LYS A 448 -31.82 1.15 28.66
CA LYS A 448 -31.25 2.18 27.79
C LYS A 448 -31.83 2.05 26.39
N LEU A 449 -31.75 0.84 25.84
CA LEU A 449 -32.26 0.52 24.51
C LEU A 449 -33.73 0.94 24.34
N TYR A 450 -34.56 0.57 25.30
CA TYR A 450 -35.97 0.92 25.25
C TYR A 450 -36.14 2.44 25.36
N SER A 451 -35.45 3.05 26.32
CA SER A 451 -35.53 4.49 26.54
C SER A 451 -35.18 5.29 25.30
N LEU A 452 -34.27 4.79 24.48
CA LEU A 452 -33.96 5.46 23.23
C LEU A 452 -34.97 5.08 22.14
N LEU A 453 -35.54 3.88 22.25
CA LEU A 453 -36.58 3.45 21.32
C LEU A 453 -37.82 4.33 21.43
N ARG A 454 -38.07 4.84 22.63
CA ARG A 454 -39.21 5.72 22.86
C ARG A 454 -39.03 7.02 22.09
N GLU A 455 -37.79 7.48 22.01
CA GLU A 455 -37.45 8.70 21.29
C GLU A 455 -37.19 8.44 19.81
N LEU A 456 -38.23 8.04 19.09
CA LEU A 456 -38.07 7.76 17.66
C LEU A 456 -39.11 8.47 16.80
N ASP A 457 -38.69 8.89 15.61
CA ASP A 457 -39.54 9.67 14.72
C ASP A 457 -40.81 8.93 14.27
N SER A 458 -40.63 7.74 13.71
CA SER A 458 -41.75 7.00 13.17
C SER A 458 -42.13 5.81 14.04
N HIS A 459 -43.33 5.30 13.83
CA HIS A 459 -43.82 4.16 14.59
C HIS A 459 -43.53 2.87 13.84
N GLY A 460 -43.20 3.00 12.55
CA GLY A 460 -42.79 1.86 11.76
C GLY A 460 -41.43 1.35 12.21
N VAL A 461 -40.49 2.27 12.36
CA VAL A 461 -39.16 1.94 12.85
C VAL A 461 -39.25 1.31 14.24
N GLN A 462 -40.04 1.91 15.12
CA GLN A 462 -40.27 1.36 16.45
C GLN A 462 -40.84 -0.06 16.37
N LYS A 463 -41.78 -0.26 15.47
CA LYS A 463 -42.43 -1.55 15.30
C LYS A 463 -41.42 -2.63 14.92
N GLU A 464 -40.73 -2.43 13.79
CA GLU A 464 -39.78 -3.42 13.30
C GLU A 464 -38.62 -3.63 14.28
N GLU A 467 -39.76 -5.82 16.93
CA GLU A 467 -39.85 -7.15 16.35
C GLU A 467 -38.50 -7.89 16.33
N GLU A 468 -37.45 -7.21 15.85
CA GLU A 468 -36.14 -7.84 15.76
C GLU A 468 -35.47 -8.03 17.12
N ILE A 469 -35.70 -7.07 18.02
CA ILE A 469 -35.24 -7.19 19.40
C ILE A 469 -35.82 -8.43 20.07
N PHE A 470 -37.11 -8.64 19.87
CA PHE A 470 -37.75 -9.85 20.37
C PHE A 470 -37.20 -11.09 19.69
N ASP A 471 -36.98 -11.00 18.38
CA ASP A 471 -36.45 -12.12 17.61
C ASP A 471 -35.10 -12.61 18.12
N LYS A 472 -34.24 -11.66 18.49
CA LYS A 472 -32.90 -12.00 18.95
C LYS A 472 -32.85 -12.51 20.40
N TYR A 473 -33.67 -11.93 21.27
CA TYR A 473 -33.65 -12.26 22.70
C TYR A 473 -35.04 -12.49 23.27
N GLY A 474 -35.76 -13.50 22.76
CA GLY A 474 -37.13 -13.75 23.20
C GLY A 474 -37.37 -13.67 24.69
N LYS A 475 -36.68 -14.50 25.45
CA LYS A 475 -36.84 -14.57 26.89
C LYS A 475 -36.44 -13.26 27.57
N ALA A 477 -35.88 -10.22 26.26
CA ALA A 477 -36.68 -9.08 25.85
C ALA A 477 -38.06 -9.14 26.50
N LEU A 478 -38.59 -10.35 26.66
CA LEU A 478 -39.89 -10.52 27.31
C LEU A 478 -39.83 -10.00 28.75
N LEU A 479 -38.86 -10.51 29.51
CA LEU A 479 -38.73 -10.14 30.92
C LEU A 479 -38.36 -8.66 31.11
N SER A 480 -37.27 -8.25 30.47
CA SER A 480 -36.79 -6.86 30.58
C SER A 480 -37.83 -5.86 30.11
N GLY A 481 -38.50 -6.19 29.01
CA GLY A 481 -39.57 -5.35 28.49
C GLY A 481 -40.73 -5.27 29.46
N LEU A 482 -41.07 -6.41 30.06
CA LEU A 482 -42.11 -6.49 31.07
C LEU A 482 -41.83 -5.51 32.20
N ASN A 483 -40.70 -5.70 32.87
CA ASN A 483 -40.30 -4.84 33.97
C ASN A 483 -40.25 -3.36 33.58
N TYR A 484 -39.44 -3.06 32.57
CA TYR A 484 -39.23 -1.70 32.09
C TYR A 484 -40.55 -1.00 31.79
N PHE A 485 -41.28 -1.52 30.80
CA PHE A 485 -42.51 -0.88 30.36
C PHE A 485 -43.58 -0.82 31.44
N LEU A 486 -43.51 -1.75 32.40
CA LEU A 486 -44.41 -1.66 33.55
C LEU A 486 -44.07 -0.43 34.39
N GLU A 487 -42.78 -0.25 34.69
CA GLU A 487 -42.37 0.85 35.57
C GLU A 487 -42.43 2.24 34.93
N ASN A 488 -41.82 2.38 33.77
CA ASN A 488 -41.54 3.71 33.21
C ASN A 488 -42.68 4.41 32.49
N VAL A 489 -43.42 3.67 31.67
CA VAL A 489 -44.49 4.27 30.87
C VAL A 489 -45.72 4.62 31.69
N SER A 490 -46.15 5.87 31.62
CA SER A 490 -47.34 6.34 32.32
C SER A 490 -48.31 7.04 31.38
N GLU A 491 -48.06 6.89 30.08
CA GLU A 491 -48.90 7.52 29.06
C GLU A 491 -48.79 6.70 27.78
N PRO A 492 -49.91 6.52 27.06
CA PRO A 492 -49.94 5.71 25.83
C PRO A 492 -48.94 6.13 24.77
N GLU A 493 -47.92 5.31 24.58
CA GLU A 493 -46.93 5.51 23.53
C GLU A 493 -46.94 4.30 22.62
N TYR A 494 -46.40 4.45 21.42
CA TYR A 494 -46.40 3.35 20.47
C TYR A 494 -45.51 2.20 20.93
N THR A 495 -44.37 2.55 21.52
CA THR A 495 -43.38 1.55 21.94
C THR A 495 -43.96 0.59 22.97
N TYR A 496 -44.79 1.13 23.86
CA TYR A 496 -45.46 0.35 24.90
C TYR A 496 -46.31 -0.75 24.27
N TYR A 497 -47.25 -0.31 23.44
CA TYR A 497 -48.20 -1.20 22.79
C TYR A 497 -47.52 -2.17 21.84
N SER A 498 -46.45 -1.73 21.18
CA SER A 498 -45.69 -2.60 20.29
C SER A 498 -44.98 -3.67 21.11
N TYR A 499 -44.49 -3.31 22.28
CA TYR A 499 -43.92 -4.30 23.19
C TYR A 499 -44.94 -5.34 23.56
N HIS A 500 -46.10 -4.91 24.04
CA HIS A 500 -47.11 -5.87 24.47
C HIS A 500 -47.60 -6.75 23.32
N LEU A 501 -47.67 -6.17 22.12
CA LEU A 501 -48.02 -6.93 20.93
C LEU A 501 -46.99 -8.02 20.63
N GLN A 502 -45.72 -7.65 20.67
CA GLN A 502 -44.65 -8.62 20.41
C GLN A 502 -44.55 -9.68 21.50
N ALA A 503 -44.85 -9.30 22.73
CA ALA A 503 -44.85 -10.23 23.85
C ALA A 503 -45.95 -11.26 23.64
N ALA A 504 -47.15 -10.78 23.32
CA ALA A 504 -48.28 -11.66 23.05
C ALA A 504 -47.98 -12.59 21.87
N ASN A 505 -47.34 -12.04 20.84
CA ASN A 505 -46.98 -12.81 19.66
C ASN A 505 -45.94 -13.87 19.98
N PHE A 506 -45.08 -13.58 20.95
CA PHE A 506 -44.04 -14.52 21.36
C PHE A 506 -44.62 -15.62 22.26
N LEU A 507 -45.65 -15.28 23.01
CA LEU A 507 -46.29 -16.24 23.89
C LEU A 507 -47.46 -16.95 23.22
N LYS A 508 -47.77 -16.51 22.00
CA LYS A 508 -48.89 -17.07 21.23
C LYS A 508 -50.19 -17.11 22.02
N LEU A 509 -50.56 -15.96 22.58
CA LEU A 509 -51.76 -15.86 23.41
C LEU A 509 -52.80 -14.94 22.79
N ASN A 510 -53.94 -15.51 22.43
CA ASN A 510 -55.03 -14.75 21.81
C ASN A 510 -55.60 -13.70 22.72
N ASP A 511 -55.74 -14.03 24.00
CA ASP A 511 -56.28 -13.10 24.98
C ASP A 511 -55.35 -11.92 25.22
N TYR A 512 -54.05 -12.19 25.24
CA TYR A 512 -53.03 -11.15 25.43
C TYR A 512 -53.05 -10.19 24.24
N LYS A 513 -53.05 -10.75 23.03
CA LYS A 513 -53.11 -9.95 21.81
C LYS A 513 -54.38 -9.10 21.77
N SER A 514 -55.51 -9.74 22.08
CA SER A 514 -56.82 -9.07 22.08
C SER A 514 -56.85 -7.90 23.05
N GLN A 515 -56.45 -8.16 24.29
CA GLN A 515 -56.41 -7.11 25.30
C GLN A 515 -55.49 -5.98 24.88
N THR A 516 -54.30 -6.32 24.38
CA THR A 516 -53.37 -5.30 23.91
C THR A 516 -54.03 -4.42 22.84
N GLU A 517 -54.73 -5.05 21.90
CA GLU A 517 -55.49 -4.33 20.89
C GLU A 517 -56.51 -3.38 21.53
N TYR A 518 -57.17 -3.83 22.59
CA TYR A 518 -58.11 -2.95 23.31
C TYR A 518 -57.41 -1.74 23.95
N LYS A 519 -56.32 -2.01 24.68
CA LYS A 519 -55.60 -0.96 25.41
C LYS A 519 -55.00 0.03 24.42
N GLN A 521 -56.43 0.63 21.16
CA GLN A 521 -57.49 1.36 20.48
C GLN A 521 -58.33 2.21 21.43
N THR A 522 -57.94 2.19 22.71
CA THR A 522 -58.60 3.01 23.72
C THR A 522 -57.61 3.83 24.53
N ARG A 523 -56.35 3.80 24.13
CA ARG A 523 -55.27 4.54 24.78
C ARG A 523 -55.17 4.27 26.29
N THR A 524 -55.32 3.00 26.66
CA THR A 524 -55.27 2.60 28.06
C THR A 524 -53.99 1.79 28.32
N LEU A 525 -53.53 1.77 29.58
CA LEU A 525 -52.30 1.06 29.94
C LEU A 525 -52.61 -0.22 30.72
N PHE A 526 -51.68 -1.17 30.69
CA PHE A 526 -51.82 -2.41 31.45
C PHE A 526 -51.46 -2.19 32.91
N THR A 527 -52.13 -2.93 33.79
CA THR A 527 -51.78 -2.94 35.20
C THR A 527 -51.07 -4.24 35.54
N LYS A 528 -50.45 -4.29 36.71
CA LYS A 528 -49.70 -5.48 37.13
C LYS A 528 -50.58 -6.72 37.13
N GLU A 529 -51.84 -6.53 37.49
CA GLU A 529 -52.79 -7.64 37.56
C GLU A 529 -53.10 -8.20 36.17
N ASP A 530 -53.47 -7.31 35.26
CA ASP A 530 -53.79 -7.65 33.88
C ASP A 530 -52.69 -8.51 33.27
N LEU A 531 -51.45 -8.10 33.50
CA LEU A 531 -50.29 -8.82 32.97
C LEU A 531 -50.02 -10.09 33.77
N LEU A 532 -50.41 -10.09 35.04
CA LEU A 532 -50.22 -11.26 35.89
C LEU A 532 -51.08 -12.42 35.41
N SER A 533 -52.25 -12.10 34.86
CA SER A 533 -53.16 -13.15 34.38
C SER A 533 -52.59 -13.95 33.21
N TYR A 534 -51.49 -13.46 32.62
CA TYR A 534 -50.87 -14.14 31.49
C TYR A 534 -49.67 -15.00 31.91
N TYR A 535 -49.13 -14.70 33.09
CA TYR A 535 -48.03 -15.48 33.63
C TYR A 535 -48.51 -16.31 34.81
N SER A 536 -49.67 -16.95 34.64
CA SER A 536 -50.30 -17.69 35.72
C SER A 536 -50.03 -19.19 35.65
N ASP A 537 -50.06 -19.76 34.45
CA ASP A 537 -49.87 -21.20 34.30
C ASP A 537 -48.60 -21.52 33.52
N THR A 538 -47.79 -22.42 34.07
CA THR A 538 -46.52 -22.80 33.46
C THR A 538 -46.71 -23.64 32.20
N GLY A 539 -47.87 -24.28 32.07
CA GLY A 539 -48.16 -25.08 30.91
C GLY A 539 -48.62 -24.23 29.74
N SER A 540 -49.19 -23.07 30.05
CA SER A 540 -49.65 -22.13 29.03
C SER A 540 -48.52 -21.19 28.65
N ASN A 541 -47.74 -20.78 29.65
CA ASN A 541 -46.60 -19.93 29.42
C ASN A 541 -45.35 -20.45 30.13
N LYS A 542 -44.35 -20.83 29.33
CA LYS A 542 -43.10 -21.41 29.82
C LYS A 542 -42.39 -20.50 30.82
N TYR A 543 -42.62 -19.20 30.71
CA TYR A 543 -41.90 -18.21 31.49
C TYR A 543 -42.77 -17.57 32.56
N SER A 544 -43.81 -18.28 33.00
CA SER A 544 -44.78 -17.76 33.96
C SER A 544 -44.14 -17.41 35.30
N LYS A 545 -43.25 -18.28 35.77
CA LYS A 545 -42.66 -18.14 37.09
C LYS A 545 -41.83 -16.87 37.25
N LYS A 546 -40.88 -16.65 36.33
CA LYS A 546 -40.02 -15.47 36.40
C LYS A 546 -40.79 -14.17 36.16
N GLY A 547 -41.76 -14.24 35.24
CA GLY A 547 -42.60 -13.11 34.91
C GLY A 547 -43.40 -12.66 36.11
N ALA A 548 -44.14 -13.58 36.74
CA ALA A 548 -44.90 -13.27 37.94
C ALA A 548 -43.96 -12.77 39.03
N GLN A 549 -42.87 -13.49 39.22
CA GLN A 549 -41.80 -13.08 40.12
C GLN A 549 -41.53 -11.57 40.04
N ILE A 550 -41.01 -11.12 38.89
CA ILE A 550 -40.66 -9.71 38.75
C ILE A 550 -41.90 -8.81 38.72
N LEU A 551 -43.06 -9.40 38.46
CA LEU A 551 -44.31 -8.65 38.45
C LEU A 551 -44.74 -8.21 39.86
N LEU A 552 -44.67 -9.10 40.84
CA LEU A 552 -45.12 -8.72 42.17
C LEU A 552 -43.99 -8.43 43.18
N SER A 553 -42.76 -8.80 42.85
CA SER A 553 -41.65 -8.58 43.77
C SER A 553 -41.26 -7.10 43.88
N ARG A 554 -41.78 -6.29 42.97
CA ARG A 554 -41.53 -4.85 42.99
C ARG A 554 -42.77 -4.07 43.41
N ASP A 555 -42.63 -3.31 44.49
CA ASP A 555 -43.70 -2.46 45.03
C ASP A 555 -45.07 -3.14 45.07
#